data_5TMV
#
_entry.id   5TMV
#
_cell.length_a   54.390
_cell.length_b   81.520
_cell.length_c   58.360
_cell.angle_alpha   90.00
_cell.angle_beta   110.61
_cell.angle_gamma   90.00
#
_symmetry.space_group_name_H-M   'P 1 21 1'
#
loop_
_entity.id
_entity.type
_entity.pdbx_description
1 polymer 'Estrogen receptor'
2 polymer 'Nuclear receptor coactivator 2'
3 non-polymer '4-iodophenyl (1S,2R,4S)-5,6-bis(4-hydroxyphenyl)-7-oxabicyclo[2.2.1]hept-5-ene-2-sulfonate'
4 water water
#
loop_
_entity_poly.entity_id
_entity_poly.type
_entity_poly.pdbx_seq_one_letter_code
_entity_poly.pdbx_strand_id
1 'polypeptide(L)'
;IKRSKKNSLALSLTADQMVSALLDAEPPILYSEYDPTRPFSEASMMGLLTNLADRELVHMINWAKRVPGFVDLTLHDQVH
LLECAWLEILMIGLVWRSMEHPGKLLFAPNLLLDRNQGKCVEGMVEIFDMLLATSSRFRMMNLQGEEFVCLKSIILLNSG
VYTFLSSTLKSLEEKDHIHRVLDKITDTLIHLMAKAGLTLQQQHQRLAQLLLILSHIRHMSNKGMEHLYSMKCKNVVPLS
DLLLEMLDAHRLHAPTS
;
A,B
2 'polypeptide(L)' KHKILHRLLQDSS C,D
#
loop_
_chem_comp.id
_chem_comp.type
_chem_comp.name
_chem_comp.formula
7FO non-polymer '4-iodophenyl (1S,2R,4S)-5,6-bis(4-hydroxyphenyl)-7-oxabicyclo[2.2.1]hept-5-ene-2-sulfonate' 'C24 H19 I O6 S'
#
# COMPACT_ATOMS: atom_id res chain seq x y z
N ASN A 7 27.69 4.02 -11.57
CA ASN A 7 26.73 5.06 -11.94
C ASN A 7 25.73 4.54 -12.96
N SER A 8 24.50 5.02 -12.87
CA SER A 8 23.40 4.56 -13.71
C SER A 8 23.04 5.61 -14.75
N LEU A 9 22.52 5.13 -15.89
CA LEU A 9 22.12 6.03 -16.96
C LEU A 9 20.81 6.74 -16.67
N ALA A 10 20.01 6.25 -15.71
CA ALA A 10 18.72 6.84 -15.43
C ALA A 10 18.85 8.24 -14.85
N LEU A 11 19.88 8.47 -14.03
CA LEU A 11 20.08 9.78 -13.43
C LEU A 11 20.37 10.83 -14.49
N SER A 12 21.17 10.48 -15.50
CA SER A 12 21.51 11.43 -16.55
C SER A 12 20.37 11.68 -17.53
N LEU A 13 19.34 10.85 -17.52
CA LEU A 13 18.20 11.05 -18.42
C LEU A 13 17.40 12.26 -17.97
N THR A 14 16.86 13.00 -18.95
CA THR A 14 16.04 14.16 -18.65
C THR A 14 14.59 13.73 -18.46
N ALA A 15 13.74 14.71 -18.14
CA ALA A 15 12.34 14.39 -17.85
C ALA A 15 11.62 13.87 -19.08
N ASP A 16 11.70 14.59 -20.19
CA ASP A 16 11.06 14.14 -21.43
C ASP A 16 11.70 12.86 -21.94
N GLN A 17 13.00 12.68 -21.73
CA GLN A 17 13.65 11.43 -22.12
C GLN A 17 13.23 10.28 -21.22
N MET A 18 12.90 10.57 -19.96
CA MET A 18 12.39 9.54 -19.07
C MET A 18 11.01 9.06 -19.51
N VAL A 19 10.17 9.98 -19.96
CA VAL A 19 8.82 9.61 -20.38
C VAL A 19 8.84 8.75 -21.63
N SER A 20 9.64 9.15 -22.62
CA SER A 20 9.67 8.42 -23.89
C SER A 20 10.23 7.01 -23.70
N ALA A 21 11.26 6.86 -22.87
CA ALA A 21 11.80 5.54 -22.59
C ALA A 21 10.75 4.66 -21.93
N LEU A 22 9.94 5.23 -21.03
CA LEU A 22 8.88 4.46 -20.39
C LEU A 22 7.74 4.16 -21.35
N LEU A 23 7.44 5.08 -22.27
CA LEU A 23 6.38 4.84 -23.24
C LEU A 23 6.76 3.77 -24.25
N ASP A 24 8.01 3.80 -24.72
CA ASP A 24 8.43 2.83 -25.72
C ASP A 24 8.63 1.44 -25.10
N ALA A 25 8.93 1.38 -23.81
CA ALA A 25 9.09 0.09 -23.13
C ALA A 25 7.75 -0.56 -22.78
N GLU A 26 6.65 0.11 -23.06
CA GLU A 26 5.34 -0.40 -22.69
C GLU A 26 5.12 -1.78 -23.29
N PRO A 27 4.60 -2.74 -22.52
CA PRO A 27 4.21 -4.02 -23.10
C PRO A 27 2.97 -3.85 -23.96
N PRO A 28 2.69 -4.79 -24.84
CA PRO A 28 1.46 -4.70 -25.63
C PRO A 28 0.26 -5.28 -24.88
N ILE A 29 -0.92 -4.87 -25.31
CA ILE A 29 -2.16 -5.41 -24.77
C ILE A 29 -2.42 -6.76 -25.44
N LEU A 30 -2.35 -7.83 -24.65
CA LEU A 30 -2.49 -9.18 -25.16
C LEU A 30 -3.96 -9.60 -25.19
N TYR A 31 -4.27 -10.53 -26.09
CA TYR A 31 -5.62 -11.04 -26.23
C TYR A 31 -5.81 -12.31 -25.42
N SER A 32 -7.04 -12.54 -25.00
CA SER A 32 -7.40 -13.79 -24.36
C SER A 32 -7.60 -14.88 -25.41
N GLU A 33 -7.66 -16.12 -24.92
CA GLU A 33 -8.02 -17.24 -25.80
C GLU A 33 -9.42 -17.02 -26.34
N TYR A 34 -9.63 -17.38 -27.60
CA TYR A 34 -10.79 -16.94 -28.37
C TYR A 34 -11.97 -17.89 -28.30
N ASP A 35 -12.08 -18.69 -27.24
CA ASP A 35 -13.28 -19.50 -27.09
C ASP A 35 -14.46 -18.58 -26.82
N PRO A 36 -15.52 -18.62 -27.64
CA PRO A 36 -16.58 -17.61 -27.53
C PRO A 36 -17.45 -17.73 -26.29
N THR A 37 -17.23 -18.72 -25.45
CA THR A 37 -18.05 -18.89 -24.25
C THR A 37 -17.75 -17.80 -23.24
N ARG A 38 -18.80 -17.17 -22.73
CA ARG A 38 -18.65 -16.19 -21.66
C ARG A 38 -18.29 -16.92 -20.37
N PRO A 39 -17.12 -16.69 -19.78
CA PRO A 39 -16.69 -17.49 -18.62
C PRO A 39 -17.54 -17.25 -17.39
N PHE A 40 -18.40 -18.23 -17.05
CA PHE A 40 -19.24 -18.15 -15.86
C PHE A 40 -18.96 -19.26 -14.87
N SER A 41 -17.91 -20.04 -15.08
CA SER A 41 -17.52 -21.09 -14.15
C SER A 41 -16.24 -20.70 -13.42
N GLU A 42 -15.93 -21.46 -12.37
CA GLU A 42 -14.70 -21.20 -11.64
C GLU A 42 -13.47 -21.68 -12.42
N ALA A 43 -13.61 -22.79 -13.13
CA ALA A 43 -12.47 -23.38 -13.84
C ALA A 43 -12.13 -22.58 -15.09
N SER A 44 -13.14 -22.26 -15.90
CA SER A 44 -12.88 -21.52 -17.13
C SER A 44 -12.42 -20.09 -16.85
N MET A 45 -12.98 -19.46 -15.81
CA MET A 45 -12.53 -18.14 -15.42
C MET A 45 -11.05 -18.15 -15.05
N MET A 46 -10.67 -18.99 -14.10
CA MET A 46 -9.28 -19.04 -13.65
C MET A 46 -8.35 -19.51 -14.76
N GLY A 47 -8.85 -20.35 -15.68
CA GLY A 47 -8.03 -20.77 -16.79
C GLY A 47 -7.69 -19.64 -17.73
N LEU A 48 -8.69 -18.82 -18.07
CA LEU A 48 -8.47 -17.69 -18.97
C LEU A 48 -7.54 -16.66 -18.34
N LEU A 49 -7.70 -16.41 -17.04
CA LEU A 49 -6.87 -15.40 -16.38
C LEU A 49 -5.45 -15.91 -16.15
N THR A 50 -5.30 -17.20 -15.84
CA THR A 50 -3.97 -17.76 -15.63
C THR A 50 -3.17 -17.78 -16.93
N ASN A 51 -3.81 -18.24 -18.02
CA ASN A 51 -3.15 -18.24 -19.32
C ASN A 51 -2.75 -16.83 -19.73
N LEU A 52 -3.66 -15.87 -19.54
CA LEU A 52 -3.35 -14.47 -19.87
C LEU A 52 -2.22 -13.94 -19.00
N ALA A 53 -2.31 -14.16 -17.69
CA ALA A 53 -1.31 -13.63 -16.77
C ALA A 53 0.07 -14.21 -17.06
N ASP A 54 0.13 -15.49 -17.43
CA ASP A 54 1.43 -16.12 -17.72
C ASP A 54 2.07 -15.49 -18.96
N ARG A 55 1.28 -15.20 -19.99
CA ARG A 55 1.83 -14.58 -21.18
C ARG A 55 2.22 -13.13 -20.95
N GLU A 56 1.51 -12.43 -20.05
CA GLU A 56 1.87 -11.06 -19.71
C GLU A 56 3.16 -10.99 -18.92
N LEU A 57 3.41 -12.00 -18.06
CA LEU A 57 4.61 -11.99 -17.23
C LEU A 57 5.88 -11.99 -18.08
N VAL A 58 5.84 -12.64 -19.24
CA VAL A 58 7.01 -12.67 -20.11
C VAL A 58 7.28 -11.28 -20.68
N HIS A 59 6.22 -10.58 -21.08
CA HIS A 59 6.38 -9.19 -21.52
C HIS A 59 6.78 -8.28 -20.36
N MET A 60 6.32 -8.58 -19.14
CA MET A 60 6.66 -7.76 -17.99
C MET A 60 8.14 -7.86 -17.67
N ILE A 61 8.71 -9.07 -17.75
CA ILE A 61 10.13 -9.25 -17.48
C ILE A 61 10.96 -8.41 -18.45
N ASN A 62 10.53 -8.37 -19.71
CA ASN A 62 11.24 -7.56 -20.71
C ASN A 62 10.90 -6.08 -20.61
N TRP A 63 9.70 -5.74 -20.11
CA TRP A 63 9.41 -4.34 -19.83
C TRP A 63 10.26 -3.83 -18.68
N ALA A 64 10.46 -4.65 -17.65
CA ALA A 64 11.24 -4.22 -16.49
C ALA A 64 12.69 -3.95 -16.87
N LYS A 65 13.25 -4.78 -17.75
CA LYS A 65 14.63 -4.57 -18.20
C LYS A 65 14.81 -3.19 -18.84
N ARG A 66 13.77 -2.69 -19.51
CA ARG A 66 13.83 -1.39 -20.17
C ARG A 66 13.34 -0.26 -19.29
N VAL A 67 13.22 -0.47 -17.98
CA VAL A 67 12.89 0.58 -17.04
C VAL A 67 14.19 1.24 -16.57
N PRO A 68 14.40 2.53 -16.82
CA PRO A 68 15.69 3.16 -16.49
C PRO A 68 16.12 2.93 -15.04
N GLY A 69 17.28 2.29 -14.87
CA GLY A 69 17.82 1.97 -13.56
C GLY A 69 17.63 0.53 -13.14
N PHE A 70 16.69 -0.19 -13.75
CA PHE A 70 16.42 -1.56 -13.35
C PHE A 70 17.58 -2.50 -13.71
N VAL A 71 18.11 -2.35 -14.94
CA VAL A 71 19.23 -3.19 -15.35
C VAL A 71 20.50 -2.86 -14.59
N ASP A 72 20.57 -1.68 -13.96
CA ASP A 72 21.72 -1.29 -13.17
C ASP A 72 21.74 -1.96 -11.80
N LEU A 73 20.73 -2.76 -11.47
CA LEU A 73 20.69 -3.49 -10.21
C LEU A 73 21.29 -4.88 -10.38
N THR A 74 21.66 -5.48 -9.26
CA THR A 74 22.10 -6.87 -9.28
C THR A 74 20.95 -7.76 -9.74
N LEU A 75 21.32 -8.92 -10.29
CA LEU A 75 20.31 -9.84 -10.81
C LEU A 75 19.38 -10.32 -9.69
N HIS A 76 19.93 -10.54 -8.49
CA HIS A 76 19.09 -10.95 -7.37
C HIS A 76 18.10 -9.85 -6.98
N ASP A 77 18.54 -8.59 -7.03
CA ASP A 77 17.64 -7.49 -6.73
C ASP A 77 16.53 -7.38 -7.77
N GLN A 78 16.88 -7.58 -9.05
CA GLN A 78 15.86 -7.59 -10.10
C GLN A 78 14.83 -8.67 -9.85
N VAL A 79 15.28 -9.85 -9.42
CA VAL A 79 14.36 -10.95 -9.13
C VAL A 79 13.46 -10.58 -7.95
N HIS A 80 14.02 -9.94 -6.93
CA HIS A 80 13.23 -9.60 -5.75
C HIS A 80 12.13 -8.59 -6.09
N LEU A 81 12.48 -7.54 -6.84
CA LEU A 81 11.51 -6.50 -7.14
C LEU A 81 10.35 -7.05 -7.97
N LEU A 82 10.66 -7.81 -9.02
CA LEU A 82 9.61 -8.35 -9.87
C LEU A 82 8.73 -9.35 -9.13
N GLU A 83 9.33 -10.13 -8.23
CA GLU A 83 8.58 -11.10 -7.44
C GLU A 83 7.58 -10.41 -6.52
N CYS A 84 7.99 -9.29 -5.93
CA CYS A 84 7.11 -8.54 -5.05
C CYS A 84 5.98 -7.82 -5.78
N ALA A 85 6.27 -7.28 -6.96
CA ALA A 85 5.39 -6.31 -7.59
C ALA A 85 4.58 -6.85 -8.77
N TRP A 86 4.77 -8.12 -9.14
CA TRP A 86 4.25 -8.59 -10.42
C TRP A 86 2.74 -8.48 -10.49
N LEU A 87 2.03 -8.88 -9.43
CA LEU A 87 0.58 -8.75 -9.46
C LEU A 87 0.14 -7.30 -9.37
N GLU A 88 0.90 -6.47 -8.64
CA GLU A 88 0.64 -5.05 -8.63
C GLU A 88 0.74 -4.46 -10.04
N ILE A 89 1.76 -4.87 -10.78
CA ILE A 89 1.93 -4.38 -12.16
C ILE A 89 0.76 -4.81 -13.02
N LEU A 90 0.34 -6.07 -12.91
CA LEU A 90 -0.78 -6.57 -13.69
C LEU A 90 -2.08 -5.83 -13.34
N MET A 91 -2.31 -5.60 -12.04
CA MET A 91 -3.56 -4.98 -11.61
C MET A 91 -3.67 -3.54 -12.11
N ILE A 92 -2.60 -2.76 -11.95
CA ILE A 92 -2.64 -1.39 -12.44
C ILE A 92 -2.68 -1.36 -13.97
N GLY A 93 -2.23 -2.43 -14.62
CA GLY A 93 -2.44 -2.54 -16.05
C GLY A 93 -3.91 -2.79 -16.38
N LEU A 94 -4.51 -3.79 -15.72
CA LEU A 94 -5.94 -4.03 -15.84
C LEU A 94 -6.75 -2.78 -15.54
N VAL A 95 -6.36 -2.05 -14.49
CA VAL A 95 -7.11 -0.88 -14.06
C VAL A 95 -7.03 0.23 -15.10
N TRP A 96 -5.84 0.43 -15.69
CA TRP A 96 -5.69 1.46 -16.71
C TRP A 96 -6.47 1.12 -17.98
N ARG A 97 -6.41 -0.14 -18.41
CA ARG A 97 -7.17 -0.55 -19.60
C ARG A 97 -8.66 -0.40 -19.40
N SER A 98 -9.15 -0.56 -18.17
CA SER A 98 -10.57 -0.55 -17.88
C SER A 98 -11.13 0.84 -17.62
N MET A 99 -10.32 1.90 -17.77
CA MET A 99 -10.77 3.24 -17.44
C MET A 99 -11.97 3.65 -18.27
N GLU A 100 -11.89 3.48 -19.60
CA GLU A 100 -12.95 3.87 -20.50
C GLU A 100 -14.06 2.82 -20.61
N HIS A 101 -14.15 1.90 -19.65
CA HIS A 101 -15.24 0.93 -19.57
C HIS A 101 -15.75 0.88 -18.14
N PRO A 102 -16.41 1.94 -17.67
CA PRO A 102 -16.86 1.98 -16.28
C PRO A 102 -17.77 0.81 -15.95
N GLY A 103 -17.55 0.21 -14.78
CA GLY A 103 -18.28 -0.97 -14.38
C GLY A 103 -17.79 -2.27 -14.97
N LYS A 104 -16.84 -2.22 -15.91
CA LYS A 104 -16.28 -3.41 -16.52
C LYS A 104 -14.77 -3.44 -16.30
N LEU A 105 -14.22 -4.65 -16.38
CA LEU A 105 -12.77 -4.87 -16.28
C LEU A 105 -12.30 -5.44 -17.61
N LEU A 106 -11.51 -4.65 -18.35
CA LEU A 106 -10.97 -5.08 -19.64
C LEU A 106 -9.70 -5.90 -19.38
N PHE A 107 -9.90 -7.18 -19.06
CA PHE A 107 -8.77 -8.09 -18.97
C PHE A 107 -8.08 -8.24 -20.31
N ALA A 108 -8.85 -8.21 -21.39
CA ALA A 108 -8.32 -8.26 -22.75
C ALA A 108 -9.33 -7.59 -23.66
N PRO A 109 -8.92 -7.15 -24.85
CA PRO A 109 -9.90 -6.59 -25.79
C PRO A 109 -11.03 -7.54 -26.13
N ASN A 110 -10.78 -8.85 -26.07
CA ASN A 110 -11.79 -9.87 -26.33
C ASN A 110 -12.27 -10.55 -25.05
N LEU A 111 -11.98 -9.97 -23.89
CA LEU A 111 -12.39 -10.55 -22.61
C LEU A 111 -12.78 -9.41 -21.67
N LEU A 112 -14.07 -9.13 -21.59
CA LEU A 112 -14.61 -8.10 -20.70
C LEU A 112 -15.46 -8.75 -19.63
N LEU A 113 -15.21 -8.38 -18.38
CA LEU A 113 -15.92 -8.92 -17.23
C LEU A 113 -16.57 -7.80 -16.43
N ASP A 114 -17.71 -8.11 -15.83
CA ASP A 114 -18.32 -7.26 -14.82
C ASP A 114 -18.34 -8.01 -13.49
N ARG A 115 -18.77 -7.32 -12.45
CA ARG A 115 -18.76 -7.92 -11.11
C ARG A 115 -19.67 -9.13 -11.01
N ASN A 116 -20.67 -9.25 -11.90
CA ASN A 116 -21.55 -10.41 -11.86
C ASN A 116 -20.78 -11.69 -12.17
N GLN A 117 -19.85 -11.64 -13.13
CA GLN A 117 -19.03 -12.80 -13.45
C GLN A 117 -18.00 -13.05 -12.36
N GLY A 118 -17.56 -12.00 -11.66
CA GLY A 118 -16.67 -12.19 -10.52
C GLY A 118 -17.29 -12.99 -9.40
N LYS A 119 -18.62 -13.07 -9.35
CA LYS A 119 -19.29 -13.86 -8.33
C LYS A 119 -19.24 -15.37 -8.60
N CYS A 120 -18.79 -15.78 -9.79
CA CYS A 120 -18.71 -17.19 -10.12
C CYS A 120 -17.42 -17.85 -9.65
N VAL A 121 -16.57 -17.11 -8.96
CA VAL A 121 -15.40 -17.66 -8.28
C VAL A 121 -15.49 -17.19 -6.83
N GLU A 122 -15.72 -18.13 -5.91
CA GLU A 122 -15.99 -17.81 -4.51
C GLU A 122 -14.85 -17.00 -3.89
N GLY A 123 -15.06 -15.69 -3.74
CA GLY A 123 -14.06 -14.80 -3.20
C GLY A 123 -13.49 -13.82 -4.21
N MET A 124 -13.88 -13.92 -5.48
CA MET A 124 -13.32 -13.05 -6.52
C MET A 124 -13.99 -11.68 -6.54
N VAL A 125 -15.23 -11.58 -6.04
CA VAL A 125 -16.02 -10.36 -6.23
C VAL A 125 -15.45 -9.21 -5.41
N GLU A 126 -14.91 -9.50 -4.22
CA GLU A 126 -14.34 -8.43 -3.40
C GLU A 126 -13.16 -7.78 -4.08
N ILE A 127 -12.30 -8.57 -4.74
CA ILE A 127 -11.17 -7.99 -5.45
C ILE A 127 -11.66 -7.22 -6.67
N PHE A 128 -12.70 -7.71 -7.34
CA PHE A 128 -13.23 -7.03 -8.52
C PHE A 128 -13.72 -5.64 -8.16
N ASP A 129 -14.52 -5.52 -7.10
CA ASP A 129 -15.06 -4.22 -6.70
C ASP A 129 -13.93 -3.22 -6.43
N MET A 130 -12.91 -3.65 -5.69
CA MET A 130 -11.76 -2.79 -5.45
C MET A 130 -11.09 -2.39 -6.76
N LEU A 131 -10.94 -3.34 -7.67
CA LEU A 131 -10.36 -3.04 -8.98
C LEU A 131 -11.22 -2.05 -9.75
N LEU A 132 -12.54 -2.25 -9.73
CA LEU A 132 -13.44 -1.32 -10.41
C LEU A 132 -13.35 0.07 -9.80
N ALA A 133 -13.32 0.16 -8.46
CA ALA A 133 -13.24 1.47 -7.81
C ALA A 133 -11.91 2.15 -8.10
N THR A 134 -10.82 1.39 -8.14
CA THR A 134 -9.54 1.96 -8.56
C THR A 134 -9.61 2.46 -10.00
N SER A 135 -10.30 1.71 -10.86
CA SER A 135 -10.44 2.14 -12.26
C SER A 135 -11.29 3.40 -12.36
N SER A 136 -12.37 3.48 -11.58
CA SER A 136 -13.19 4.68 -11.58
C SER A 136 -12.42 5.87 -11.04
N ARG A 137 -11.64 5.66 -9.97
CA ARG A 137 -10.85 6.74 -9.40
C ARG A 137 -9.83 7.26 -10.40
N PHE A 138 -9.25 6.36 -11.21
CA PHE A 138 -8.36 6.80 -12.27
C PHE A 138 -9.09 7.62 -13.32
N ARG A 139 -10.34 7.24 -13.62
CA ARG A 139 -11.10 7.97 -14.64
C ARG A 139 -11.53 9.33 -14.13
N MET A 140 -11.85 9.44 -12.84
CA MET A 140 -12.25 10.73 -12.28
C MET A 140 -11.07 11.69 -12.23
N MET A 141 -9.87 11.17 -11.97
CA MET A 141 -8.67 12.00 -11.96
C MET A 141 -8.17 12.35 -13.35
N ASN A 142 -8.78 11.80 -14.40
CA ASN A 142 -8.33 11.99 -15.78
C ASN A 142 -6.86 11.57 -15.91
N LEU A 143 -6.56 10.38 -15.39
CA LEU A 143 -5.19 9.88 -15.41
C LEU A 143 -4.65 9.80 -16.84
N GLN A 144 -3.42 10.25 -17.01
CA GLN A 144 -2.78 10.27 -18.31
C GLN A 144 -1.89 9.04 -18.50
N GLY A 145 -1.66 8.69 -19.77
CA GLY A 145 -0.79 7.57 -20.07
C GLY A 145 0.62 7.79 -19.58
N GLU A 146 1.15 9.01 -19.74
CA GLU A 146 2.48 9.32 -19.24
C GLU A 146 2.54 9.24 -17.72
N GLU A 147 1.42 9.55 -17.05
CA GLU A 147 1.37 9.36 -15.60
C GLU A 147 1.27 7.88 -15.24
N PHE A 148 0.59 7.10 -16.07
CA PHE A 148 0.40 5.68 -15.78
C PHE A 148 1.71 4.92 -15.82
N VAL A 149 2.52 5.15 -16.86
CA VAL A 149 3.80 4.46 -16.96
C VAL A 149 4.73 4.87 -15.84
N CYS A 150 4.65 6.11 -15.37
CA CYS A 150 5.44 6.54 -14.22
C CYS A 150 5.00 5.82 -12.95
N LEU A 151 3.68 5.70 -12.75
CA LEU A 151 3.17 4.97 -11.59
C LEU A 151 3.56 3.51 -11.62
N LYS A 152 3.52 2.90 -12.81
CA LYS A 152 3.77 1.46 -12.92
C LYS A 152 5.22 1.12 -12.61
N SER A 153 6.16 1.96 -13.08
CA SER A 153 7.56 1.72 -12.78
C SER A 153 7.90 2.07 -11.34
N ILE A 154 7.22 3.05 -10.76
CA ILE A 154 7.37 3.33 -9.33
C ILE A 154 7.03 2.09 -8.51
N ILE A 155 5.92 1.43 -8.86
CA ILE A 155 5.54 0.18 -8.20
C ILE A 155 6.66 -0.84 -8.30
N LEU A 156 7.31 -0.93 -9.47
CA LEU A 156 8.38 -1.90 -9.66
C LEU A 156 9.56 -1.63 -8.74
N LEU A 157 9.96 -0.37 -8.61
CA LEU A 157 11.17 -0.04 -7.85
C LEU A 157 10.89 0.09 -6.36
N ASN A 158 9.66 0.43 -5.97
CA ASN A 158 9.36 0.74 -4.58
C ASN A 158 8.74 -0.41 -3.80
N SER A 159 8.04 -1.33 -4.47
CA SER A 159 7.30 -2.35 -3.74
C SER A 159 8.18 -3.44 -3.13
N GLY A 160 9.49 -3.42 -3.36
CA GLY A 160 10.37 -4.40 -2.77
C GLY A 160 11.68 -3.83 -2.28
N VAL A 161 11.70 -2.52 -2.04
CA VAL A 161 12.94 -1.85 -1.69
C VAL A 161 13.32 -2.12 -0.22
N TYR A 162 12.33 -2.39 0.64
CA TYR A 162 12.58 -2.58 2.06
C TYR A 162 12.48 -4.04 2.49
N THR A 163 12.44 -4.96 1.54
CA THR A 163 12.37 -6.39 1.87
C THR A 163 13.53 -7.15 1.27
N GLU A 173 23.81 0.35 -0.54
CA GLU A 173 24.28 0.66 -1.89
C GLU A 173 23.14 0.60 -2.89
N GLU A 174 22.40 -0.51 -2.88
CA GLU A 174 21.29 -0.67 -3.81
C GLU A 174 20.05 0.13 -3.39
N LYS A 175 19.89 0.38 -2.09
CA LYS A 175 18.75 1.18 -1.64
C LYS A 175 18.87 2.63 -2.07
N ASP A 176 20.10 3.18 -2.06
CA ASP A 176 20.29 4.55 -2.50
C ASP A 176 20.00 4.70 -3.99
N HIS A 177 20.47 3.76 -4.80
CA HIS A 177 20.23 3.82 -6.23
C HIS A 177 18.73 3.82 -6.54
N ILE A 178 17.98 2.94 -5.89
CA ILE A 178 16.53 2.87 -6.11
C ILE A 178 15.87 4.17 -5.69
N HIS A 179 16.30 4.74 -4.56
CA HIS A 179 15.68 5.98 -4.08
C HIS A 179 16.03 7.16 -4.97
N ARG A 180 17.19 7.15 -5.61
CA ARG A 180 17.52 8.22 -6.55
C ARG A 180 16.68 8.11 -7.81
N VAL A 181 16.46 6.88 -8.29
CA VAL A 181 15.59 6.71 -9.46
C VAL A 181 14.16 7.03 -9.10
N LEU A 182 13.71 6.60 -7.91
CA LEU A 182 12.36 6.95 -7.45
C LEU A 182 12.18 8.46 -7.39
N ASP A 183 13.17 9.17 -6.85
CA ASP A 183 13.14 10.63 -6.88
C ASP A 183 13.13 11.15 -8.31
N LYS A 184 13.93 10.53 -9.18
CA LYS A 184 13.97 10.96 -10.58
C LYS A 184 12.59 10.81 -11.23
N ILE A 185 11.89 9.72 -10.94
CA ILE A 185 10.54 9.55 -11.47
C ILE A 185 9.59 10.57 -10.86
N THR A 186 9.81 10.94 -9.59
CA THR A 186 8.99 11.96 -8.96
C THR A 186 9.09 13.28 -9.72
N ASP A 187 10.31 13.71 -10.02
CA ASP A 187 10.51 14.90 -10.84
C ASP A 187 9.81 14.75 -12.19
N THR A 188 9.77 13.53 -12.73
CA THR A 188 9.13 13.30 -14.01
C THR A 188 7.61 13.49 -13.91
N LEU A 189 7.01 12.98 -12.84
CA LEU A 189 5.56 13.18 -12.64
C LEU A 189 5.24 14.67 -12.52
N ILE A 190 5.99 15.39 -11.68
CA ILE A 190 5.78 16.82 -11.54
C ILE A 190 6.00 17.53 -12.86
N HIS A 191 6.98 17.04 -13.64
CA HIS A 191 7.23 17.62 -14.96
C HIS A 191 6.01 17.51 -15.87
N LEU A 192 5.37 16.34 -15.87
CA LEU A 192 4.16 16.14 -16.67
C LEU A 192 3.04 17.05 -16.18
N MET A 193 2.93 17.23 -14.86
CA MET A 193 1.90 18.09 -14.32
C MET A 193 2.18 19.56 -14.60
N ALA A 194 3.46 19.96 -14.54
CA ALA A 194 3.82 21.33 -14.87
C ALA A 194 3.63 21.59 -16.36
N LYS A 195 3.98 20.62 -17.20
CA LYS A 195 3.76 20.78 -18.64
C LYS A 195 2.28 20.85 -18.97
N ALA A 196 1.44 20.15 -18.21
CA ALA A 196 0.00 20.12 -18.46
C ALA A 196 -0.71 21.37 -17.97
N GLY A 197 -0.03 22.27 -17.28
CA GLY A 197 -0.63 23.52 -16.85
C GLY A 197 -1.18 23.54 -15.45
N LEU A 198 -0.83 22.57 -14.61
CA LEU A 198 -1.29 22.58 -13.23
C LEU A 198 -0.54 23.62 -12.42
N THR A 199 -1.22 24.21 -11.44
CA THR A 199 -0.57 25.12 -10.52
C THR A 199 0.26 24.32 -9.51
N LEU A 200 1.12 25.03 -8.79
CA LEU A 200 1.99 24.38 -7.83
C LEU A 200 1.20 23.64 -6.76
N GLN A 201 0.11 24.26 -6.27
CA GLN A 201 -0.75 23.54 -5.33
C GLN A 201 -1.40 22.34 -5.99
N GLN A 202 -1.88 22.50 -7.23
CA GLN A 202 -2.49 21.38 -7.94
C GLN A 202 -1.48 20.27 -8.22
N GLN A 203 -0.20 20.62 -8.33
CA GLN A 203 0.81 19.62 -8.65
C GLN A 203 1.10 18.70 -7.47
N HIS A 204 1.35 19.27 -6.29
CA HIS A 204 1.64 18.43 -5.14
C HIS A 204 0.39 17.80 -4.54
N GLN A 205 -0.81 18.30 -4.89
CA GLN A 205 -2.03 17.61 -4.48
C GLN A 205 -2.32 16.42 -5.39
N ARG A 206 -2.15 16.58 -6.71
CA ARG A 206 -2.34 15.47 -7.62
C ARG A 206 -1.28 14.40 -7.40
N LEU A 207 -0.04 14.82 -7.11
CA LEU A 207 1.01 13.86 -6.81
C LEU A 207 0.64 12.99 -5.61
N ALA A 208 0.17 13.63 -4.52
CA ALA A 208 -0.22 12.87 -3.34
C ALA A 208 -1.37 11.92 -3.63
N GLN A 209 -2.33 12.35 -4.45
CA GLN A 209 -3.46 11.49 -4.79
C GLN A 209 -3.00 10.25 -5.57
N LEU A 210 -2.10 10.42 -6.54
CA LEU A 210 -1.64 9.30 -7.34
C LEU A 210 -0.90 8.27 -6.48
N LEU A 211 -0.09 8.74 -5.55
CA LEU A 211 0.71 7.82 -4.74
C LEU A 211 -0.13 7.13 -3.67
N LEU A 212 -1.21 7.77 -3.21
CA LEU A 212 -2.08 7.12 -2.23
C LEU A 212 -2.83 5.95 -2.85
N ILE A 213 -3.21 6.06 -4.12
CA ILE A 213 -3.86 4.94 -4.80
C ILE A 213 -2.92 3.75 -4.88
N LEU A 214 -1.61 3.99 -4.93
CA LEU A 214 -0.65 2.88 -4.92
C LEU A 214 -0.76 2.04 -3.66
N SER A 215 -1.13 2.66 -2.53
CA SER A 215 -1.36 1.89 -1.32
C SER A 215 -2.52 0.92 -1.49
N HIS A 216 -3.57 1.34 -2.20
CA HIS A 216 -4.69 0.46 -2.45
CA HIS A 216 -4.69 0.45 -2.45
C HIS A 216 -4.33 -0.65 -3.44
N ILE A 217 -3.47 -0.35 -4.42
CA ILE A 217 -3.03 -1.37 -5.36
C ILE A 217 -2.21 -2.43 -4.64
N ARG A 218 -1.41 -2.02 -3.64
CA ARG A 218 -0.70 -2.99 -2.81
C ARG A 218 -1.67 -3.84 -2.02
N HIS A 219 -2.70 -3.21 -1.44
CA HIS A 219 -3.71 -3.95 -0.69
C HIS A 219 -4.39 -5.00 -1.55
N MET A 220 -4.80 -4.60 -2.77
CA MET A 220 -5.45 -5.55 -3.67
C MET A 220 -4.52 -6.70 -4.04
N SER A 221 -3.22 -6.39 -4.22
CA SER A 221 -2.27 -7.44 -4.57
C SER A 221 -2.12 -8.47 -3.46
N ASN A 222 -2.01 -8.00 -2.21
CA ASN A 222 -1.86 -8.91 -1.08
C ASN A 222 -3.12 -9.76 -0.88
N LYS A 223 -4.29 -9.12 -0.91
CA LYS A 223 -5.54 -9.87 -0.78
C LYS A 223 -5.73 -10.83 -1.95
N GLY A 224 -5.32 -10.43 -3.15
CA GLY A 224 -5.39 -11.33 -4.29
C GLY A 224 -4.35 -12.42 -4.25
N MET A 225 -3.17 -12.12 -3.71
CA MET A 225 -2.14 -13.15 -3.58
C MET A 225 -2.58 -14.26 -2.63
N GLU A 226 -3.34 -13.89 -1.58
CA GLU A 226 -3.87 -14.87 -0.64
C GLU A 226 -4.63 -15.97 -1.36
N HIS A 227 -5.62 -15.59 -2.18
CA HIS A 227 -6.41 -16.58 -2.90
C HIS A 227 -5.58 -17.32 -3.93
N LEU A 228 -4.57 -16.67 -4.51
CA LEU A 228 -3.81 -17.30 -5.58
C LEU A 228 -2.98 -18.47 -5.08
N TYR A 229 -2.26 -18.29 -3.96
CA TYR A 229 -1.59 -19.42 -3.34
C TYR A 229 -2.48 -20.18 -2.37
N SER A 230 -3.79 -20.05 -2.50
CA SER A 230 -4.75 -20.95 -1.89
C SER A 230 -5.52 -21.76 -2.92
N MET A 231 -5.89 -21.13 -4.05
CA MET A 231 -6.44 -21.90 -5.16
C MET A 231 -5.37 -22.73 -5.86
N LYS A 232 -4.09 -22.35 -5.71
CA LYS A 232 -3.01 -23.21 -6.19
C LYS A 232 -2.90 -24.46 -5.34
N CYS A 233 -3.11 -24.33 -4.02
CA CYS A 233 -3.11 -25.51 -3.16
C CYS A 233 -4.33 -26.40 -3.42
N LYS A 234 -5.43 -25.81 -3.90
CA LYS A 234 -6.59 -26.59 -4.28
C LYS A 234 -6.49 -27.12 -5.70
N ASN A 235 -5.54 -26.64 -6.50
CA ASN A 235 -5.32 -27.09 -7.87
C ASN A 235 -6.58 -26.93 -8.72
N VAL A 236 -7.15 -25.73 -8.67
CA VAL A 236 -8.35 -25.45 -9.46
C VAL A 236 -8.02 -25.44 -10.95
N VAL A 237 -6.91 -24.82 -11.32
CA VAL A 237 -6.44 -24.81 -12.70
C VAL A 237 -4.94 -25.09 -12.70
N PRO A 238 -4.44 -25.98 -13.59
CA PRO A 238 -3.00 -26.23 -13.65
C PRO A 238 -2.22 -24.96 -13.96
N LEU A 239 -1.49 -24.44 -12.98
CA LEU A 239 -0.73 -23.22 -13.16
C LEU A 239 0.61 -23.51 -13.84
N SER A 240 1.15 -22.49 -14.50
CA SER A 240 2.46 -22.61 -15.10
C SER A 240 3.54 -22.58 -14.02
N ASP A 241 4.70 -23.15 -14.35
CA ASP A 241 5.81 -23.16 -13.39
C ASP A 241 6.27 -21.75 -13.08
N LEU A 242 6.32 -20.87 -14.08
CA LEU A 242 6.71 -19.49 -13.85
C LEU A 242 5.75 -18.80 -12.92
N LEU A 243 4.44 -18.86 -13.22
CA LEU A 243 3.44 -18.25 -12.35
C LEU A 243 3.45 -18.90 -10.97
N LEU A 244 3.86 -20.17 -10.88
CA LEU A 244 3.96 -20.84 -9.58
C LEU A 244 5.19 -20.38 -8.80
N GLU A 245 6.29 -20.08 -9.49
CA GLU A 245 7.45 -19.54 -8.81
C GLU A 245 7.23 -18.11 -8.36
N MET A 246 6.48 -17.32 -9.15
CA MET A 246 6.11 -15.98 -8.72
C MET A 246 5.15 -16.02 -7.52
N LEU A 247 4.40 -17.10 -7.38
CA LEU A 247 3.46 -17.23 -6.26
C LEU A 247 4.18 -17.67 -4.99
N ASP A 248 5.06 -18.65 -5.08
CA ASP A 248 5.79 -19.15 -3.91
C ASP A 248 6.73 -18.10 -3.32
N ALA A 249 7.10 -17.08 -4.10
CA ALA A 249 7.92 -16.00 -3.56
C ALA A 249 7.19 -15.20 -2.48
N HIS A 250 5.87 -15.26 -2.45
CA HIS A 250 5.07 -14.57 -1.44
C HIS A 250 4.68 -15.52 -0.30
N ARG A 251 5.65 -16.30 0.16
CA ARG A 251 5.45 -17.26 1.25
C ARG A 251 4.24 -18.17 1.02
N ASN B 7 -21.42 22.38 7.45
CA ASN B 7 -20.10 22.98 7.27
C ASN B 7 -19.07 22.32 8.20
N SER B 8 -18.10 21.65 7.60
CA SER B 8 -17.06 20.98 8.37
C SER B 8 -15.99 21.97 8.81
N LEU B 9 -15.31 21.63 9.92
CA LEU B 9 -14.22 22.44 10.42
C LEU B 9 -12.85 21.96 9.92
N ALA B 10 -12.78 20.77 9.32
CA ALA B 10 -11.51 20.26 8.82
C ALA B 10 -11.04 21.06 7.61
N LEU B 11 -11.94 21.29 6.65
CA LEU B 11 -11.61 22.09 5.49
C LEU B 11 -11.47 23.58 5.82
N SER B 12 -11.79 23.98 7.05
CA SER B 12 -11.70 25.37 7.47
C SER B 12 -10.40 25.70 8.21
N LEU B 13 -9.75 24.70 8.79
CA LEU B 13 -8.52 24.95 9.54
C LEU B 13 -7.37 25.29 8.59
N THR B 14 -6.40 26.02 9.11
CA THR B 14 -5.16 26.27 8.41
C THR B 14 -4.17 25.14 8.69
N ALA B 15 -3.05 25.14 7.96
CA ALA B 15 -2.06 24.08 8.12
C ALA B 15 -1.41 24.11 9.50
N ASP B 16 -1.08 25.32 9.99
CA ASP B 16 -0.54 25.43 11.34
C ASP B 16 -1.55 24.95 12.37
N GLN B 17 -2.83 25.30 12.19
CA GLN B 17 -3.86 24.80 13.09
C GLN B 17 -4.11 23.31 12.88
N MET B 18 -3.81 22.79 11.69
CA MET B 18 -3.94 21.36 11.43
C MET B 18 -2.90 20.58 12.21
N VAL B 19 -1.63 20.97 12.10
CA VAL B 19 -0.57 20.30 12.85
C VAL B 19 -0.82 20.40 14.34
N SER B 20 -1.20 21.58 14.82
CA SER B 20 -1.49 21.77 16.24
C SER B 20 -2.58 20.81 16.71
N ALA B 21 -3.63 20.63 15.90
CA ALA B 21 -4.71 19.74 16.28
C ALA B 21 -4.24 18.29 16.35
N LEU B 22 -3.48 17.84 15.37
CA LEU B 22 -3.01 16.46 15.34
C LEU B 22 -2.04 16.19 16.49
N LEU B 23 -1.18 17.15 16.82
CA LEU B 23 -0.26 16.98 17.93
C LEU B 23 -1.01 16.85 19.25
N ASP B 24 -2.00 17.73 19.48
CA ASP B 24 -2.78 17.67 20.71
C ASP B 24 -3.52 16.35 20.85
N ALA B 25 -3.97 15.79 19.74
CA ALA B 25 -4.77 14.56 19.77
C ALA B 25 -3.92 13.31 19.93
N GLU B 26 -2.60 13.43 20.04
CA GLU B 26 -1.74 12.26 20.04
C GLU B 26 -2.04 11.38 21.25
N PRO B 27 -2.21 10.07 21.07
CA PRO B 27 -2.40 9.18 22.21
C PRO B 27 -1.09 8.97 22.93
N PRO B 28 -1.14 8.56 24.20
CA PRO B 28 0.09 8.33 24.95
C PRO B 28 0.78 7.05 24.51
N ILE B 29 1.97 6.83 25.07
CA ILE B 29 2.74 5.62 24.83
C ILE B 29 2.51 4.69 26.01
N LEU B 30 1.80 3.60 25.77
CA LEU B 30 1.41 2.70 26.84
C LEU B 30 2.57 1.78 27.23
N TYR B 31 2.55 1.34 28.48
CA TYR B 31 3.55 0.41 28.97
C TYR B 31 3.08 -1.03 28.77
N SER B 32 4.05 -1.93 28.77
CA SER B 32 3.78 -3.36 28.66
C SER B 32 3.75 -3.99 30.05
N GLU B 33 3.27 -5.23 30.10
CA GLU B 33 3.28 -6.04 31.33
C GLU B 33 4.49 -6.96 31.36
N TYR B 34 5.62 -6.48 30.86
CA TYR B 34 6.84 -7.27 30.73
C TYR B 34 7.79 -6.99 31.90
N ASP B 35 8.42 -8.05 32.40
CA ASP B 35 9.48 -7.95 33.37
C ASP B 35 10.55 -8.93 32.92
N PRO B 36 11.82 -8.51 32.85
CA PRO B 36 12.87 -9.42 32.37
C PRO B 36 13.13 -10.61 33.28
N THR B 37 12.53 -10.65 34.47
CA THR B 37 12.79 -11.76 35.38
C THR B 37 12.18 -13.06 34.90
N ARG B 38 11.10 -13.00 34.12
CA ARG B 38 10.53 -14.20 33.53
C ARG B 38 10.85 -14.24 32.04
N PRO B 39 11.61 -15.23 31.58
CA PRO B 39 11.87 -15.36 30.15
C PRO B 39 10.60 -15.80 29.42
N PHE B 40 10.15 -14.99 28.48
CA PHE B 40 8.92 -15.28 27.77
C PHE B 40 9.12 -16.47 26.82
N SER B 41 8.01 -16.95 26.28
CA SER B 41 7.98 -18.00 25.28
C SER B 41 7.35 -17.43 24.01
N GLU B 42 6.88 -18.32 23.13
CA GLU B 42 6.17 -17.84 21.94
C GLU B 42 4.83 -17.24 22.31
N ALA B 43 4.07 -17.94 23.15
CA ALA B 43 2.76 -17.47 23.58
C ALA B 43 2.85 -16.35 24.61
N SER B 44 3.95 -16.29 25.38
CA SER B 44 4.09 -15.24 26.38
C SER B 44 4.28 -13.88 25.72
N MET B 45 5.22 -13.80 24.77
CA MET B 45 5.42 -12.53 24.06
C MET B 45 4.22 -12.18 23.21
N MET B 46 3.63 -13.16 22.53
CA MET B 46 2.42 -12.91 21.74
C MET B 46 1.27 -12.44 22.61
N GLY B 47 1.22 -12.88 23.87
CA GLY B 47 0.20 -12.38 24.78
C GLY B 47 0.45 -10.95 25.20
N LEU B 48 1.72 -10.58 25.36
CA LEU B 48 2.05 -9.20 25.72
C LEU B 48 1.68 -8.24 24.60
N LEU B 49 2.11 -8.53 23.37
CA LEU B 49 1.78 -7.66 22.25
C LEU B 49 0.27 -7.56 22.05
N THR B 50 -0.44 -8.68 22.25
CA THR B 50 -1.90 -8.64 22.20
C THR B 50 -2.46 -7.78 23.32
N ASN B 51 -1.91 -7.93 24.54
CA ASN B 51 -2.36 -7.11 25.67
C ASN B 51 -2.06 -5.64 25.43
N LEU B 52 -0.92 -5.34 24.81
CA LEU B 52 -0.57 -3.94 24.55
C LEU B 52 -1.43 -3.35 23.45
N ALA B 53 -1.54 -4.05 22.32
CA ALA B 53 -2.29 -3.52 21.18
C ALA B 53 -3.77 -3.36 21.50
N ASP B 54 -4.31 -4.24 22.36
CA ASP B 54 -5.70 -4.10 22.75
C ASP B 54 -5.93 -2.80 23.52
N ARG B 55 -4.99 -2.44 24.41
CA ARG B 55 -5.13 -1.20 25.16
C ARG B 55 -4.85 0.02 24.28
N GLU B 56 -3.99 -0.12 23.28
CA GLU B 56 -3.76 0.97 22.34
C GLU B 56 -4.99 1.26 21.49
N LEU B 57 -5.72 0.19 21.12
CA LEU B 57 -6.92 0.38 20.30
C LEU B 57 -7.89 1.34 20.95
N VAL B 58 -8.07 1.24 22.27
CA VAL B 58 -8.97 2.14 22.98
C VAL B 58 -8.50 3.58 22.83
N HIS B 59 -7.19 3.82 22.95
CA HIS B 59 -6.67 5.16 22.76
C HIS B 59 -6.80 5.59 21.30
N MET B 60 -6.52 4.67 20.36
CA MET B 60 -6.59 5.01 18.95
C MET B 60 -7.99 5.39 18.53
N ILE B 61 -9.00 4.69 19.06
CA ILE B 61 -10.39 5.00 18.73
C ILE B 61 -10.74 6.42 19.17
N ASN B 62 -10.25 6.83 20.34
CA ASN B 62 -10.51 8.18 20.80
C ASN B 62 -9.60 9.20 20.13
N TRP B 63 -8.41 8.79 19.68
CA TRP B 63 -7.59 9.67 18.85
C TRP B 63 -8.23 9.91 17.49
N ALA B 64 -8.94 8.91 16.96
CA ALA B 64 -9.54 9.05 15.64
C ALA B 64 -10.62 10.13 15.64
N LYS B 65 -11.40 10.22 16.72
CA LYS B 65 -12.43 11.25 16.81
C LYS B 65 -11.83 12.64 16.66
N ARG B 66 -10.68 12.88 17.29
CA ARG B 66 -10.06 14.20 17.27
C ARG B 66 -9.26 14.47 16.00
N VAL B 67 -9.30 13.57 15.02
CA VAL B 67 -8.70 13.83 13.73
C VAL B 67 -9.68 14.69 12.91
N PRO B 68 -9.25 15.83 12.39
CA PRO B 68 -10.18 16.74 11.69
C PRO B 68 -10.86 16.05 10.52
N GLY B 69 -12.19 15.97 10.57
CA GLY B 69 -12.99 15.41 9.52
C GLY B 69 -13.54 14.03 9.81
N PHE B 70 -13.00 13.33 10.81
CA PHE B 70 -13.41 11.95 11.05
C PHE B 70 -14.82 11.89 11.64
N VAL B 71 -15.15 12.81 12.55
CA VAL B 71 -16.49 12.82 13.12
C VAL B 71 -17.53 13.37 12.16
N ASP B 72 -17.10 13.93 11.02
CA ASP B 72 -18.01 14.35 9.96
C ASP B 72 -18.44 13.20 9.06
N LEU B 73 -18.24 11.96 9.50
CA LEU B 73 -18.59 10.79 8.73
C LEU B 73 -19.64 9.97 9.48
N THR B 74 -20.32 9.10 8.74
CA THR B 74 -21.29 8.22 9.37
C THR B 74 -20.61 7.24 10.31
N LEU B 75 -21.35 6.78 11.32
CA LEU B 75 -20.78 5.86 12.29
C LEU B 75 -20.35 4.55 11.63
N HIS B 76 -21.09 4.11 10.62
CA HIS B 76 -20.71 2.91 9.89
C HIS B 76 -19.43 3.12 9.08
N ASP B 77 -19.20 4.32 8.56
CA ASP B 77 -17.98 4.59 7.82
C ASP B 77 -16.79 4.77 8.75
N GLN B 78 -17.00 5.36 9.92
CA GLN B 78 -15.93 5.45 10.91
C GLN B 78 -15.47 4.05 11.33
N VAL B 79 -16.42 3.13 11.51
CA VAL B 79 -16.07 1.75 11.87
C VAL B 79 -15.24 1.10 10.77
N HIS B 80 -15.59 1.37 9.50
CA HIS B 80 -14.89 0.73 8.40
C HIS B 80 -13.44 1.21 8.30
N LEU B 81 -13.23 2.52 8.43
CA LEU B 81 -11.87 3.06 8.33
C LEU B 81 -10.97 2.48 9.42
N LEU B 82 -11.44 2.48 10.66
CA LEU B 82 -10.64 1.94 11.76
C LEU B 82 -10.42 0.44 11.59
N GLU B 83 -11.44 -0.29 11.12
CA GLU B 83 -11.32 -1.72 10.91
C GLU B 83 -10.23 -2.05 9.90
N CYS B 84 -10.10 -1.22 8.86
CA CYS B 84 -9.08 -1.46 7.85
C CYS B 84 -7.69 -0.90 8.19
N ALA B 85 -7.64 0.14 9.02
CA ALA B 85 -6.39 0.85 9.22
C ALA B 85 -5.72 0.61 10.57
N TRP B 86 -6.40 -0.11 11.48
CA TRP B 86 -5.95 -0.14 12.87
C TRP B 86 -4.53 -0.70 13.00
N LEU B 87 -4.21 -1.76 12.27
CA LEU B 87 -2.87 -2.32 12.37
C LEU B 87 -1.84 -1.42 11.70
N GLU B 88 -2.21 -0.76 10.60
CA GLU B 88 -1.33 0.23 10.00
C GLU B 88 -1.02 1.35 10.98
N ILE B 89 -2.04 1.84 11.69
CA ILE B 89 -1.84 2.88 12.69
C ILE B 89 -0.87 2.41 13.78
N LEU B 90 -1.04 1.16 14.24
CA LEU B 90 -0.17 0.64 15.29
C LEU B 90 1.27 0.51 14.80
N MET B 91 1.46 0.04 13.57
CA MET B 91 2.81 -0.21 13.07
C MET B 91 3.57 1.09 12.88
N ILE B 92 2.96 2.09 12.24
CA ILE B 92 3.64 3.37 12.03
C ILE B 92 3.90 4.05 13.36
N GLY B 93 3.07 3.77 14.37
CA GLY B 93 3.39 4.25 15.71
C GLY B 93 4.58 3.53 16.31
N LEU B 94 4.59 2.20 16.17
CA LEU B 94 5.76 1.42 16.60
C LEU B 94 7.01 1.87 15.86
N VAL B 95 6.90 2.07 14.54
CA VAL B 95 8.05 2.48 13.74
C VAL B 95 8.54 3.86 14.17
N TRP B 96 7.61 4.74 14.54
CA TRP B 96 8.00 6.09 14.99
C TRP B 96 8.73 6.04 16.33
N ARG B 97 8.24 5.22 17.27
CA ARG B 97 8.89 5.10 18.56
C ARG B 97 10.29 4.52 18.46
N SER B 98 10.57 3.76 17.39
CA SER B 98 11.80 3.00 17.28
C SER B 98 12.87 3.69 16.43
N MET B 99 12.64 4.95 16.04
CA MET B 99 13.61 5.64 15.18
C MET B 99 14.98 5.73 15.84
N GLU B 100 15.02 6.05 17.13
CA GLU B 100 16.27 6.24 17.85
C GLU B 100 16.78 4.97 18.51
N HIS B 101 16.32 3.80 18.05
CA HIS B 101 16.77 2.51 18.56
C HIS B 101 17.03 1.59 17.37
N PRO B 102 18.18 1.75 16.71
CA PRO B 102 18.47 0.93 15.53
C PRO B 102 18.57 -0.54 15.90
N GLY B 103 17.99 -1.39 15.04
CA GLY B 103 17.94 -2.81 15.29
C GLY B 103 16.94 -3.25 16.33
N LYS B 104 16.23 -2.32 16.97
CA LYS B 104 15.27 -2.63 18.01
C LYS B 104 13.90 -2.06 17.65
N LEU B 105 12.87 -2.75 18.11
CA LEU B 105 11.48 -2.29 17.98
C LEU B 105 10.99 -1.96 19.39
N LEU B 106 10.74 -0.67 19.63
CA LEU B 106 10.30 -0.20 20.95
C LEU B 106 8.79 -0.32 21.04
N PHE B 107 8.34 -1.54 21.35
CA PHE B 107 6.91 -1.75 21.57
C PHE B 107 6.41 -0.94 22.75
N ALA B 108 7.25 -0.75 23.76
CA ALA B 108 6.92 0.04 24.94
C ALA B 108 8.23 0.47 25.59
N PRO B 109 8.20 1.52 26.42
CA PRO B 109 9.44 1.93 27.11
C PRO B 109 10.11 0.81 27.89
N ASN B 110 9.37 -0.23 28.28
CA ASN B 110 9.93 -1.37 28.96
C ASN B 110 9.99 -2.62 28.08
N LEU B 111 9.59 -2.52 26.81
CA LEU B 111 9.56 -3.65 25.89
C LEU B 111 10.33 -3.25 24.63
N LEU B 112 11.65 -3.41 24.66
CA LEU B 112 12.53 -3.08 23.54
C LEU B 112 13.05 -4.40 22.97
N LEU B 113 12.39 -4.89 21.93
CA LEU B 113 12.66 -6.22 21.40
C LEU B 113 13.73 -6.18 20.31
N ASP B 114 14.59 -7.19 20.33
CA ASP B 114 15.65 -7.37 19.35
C ASP B 114 15.12 -8.15 18.15
N ARG B 115 15.82 -8.00 17.02
CA ARG B 115 15.49 -8.79 15.84
C ARG B 115 15.63 -10.28 16.12
N ASN B 116 16.62 -10.65 16.94
CA ASN B 116 16.80 -12.06 17.29
C ASN B 116 15.70 -12.56 18.20
N GLN B 117 15.18 -11.70 19.09
CA GLN B 117 14.09 -12.07 19.97
C GLN B 117 12.76 -12.15 19.23
N GLY B 118 12.63 -11.52 18.07
CA GLY B 118 11.45 -11.69 17.26
C GLY B 118 11.28 -13.08 16.70
N LYS B 119 12.38 -13.83 16.60
CA LYS B 119 12.31 -15.22 16.14
C LYS B 119 11.66 -16.15 17.14
N CYS B 120 11.43 -15.69 18.38
CA CYS B 120 10.75 -16.51 19.38
C CYS B 120 9.31 -16.81 19.00
N VAL B 121 8.79 -16.22 17.91
CA VAL B 121 7.52 -16.60 17.33
C VAL B 121 7.78 -17.00 15.87
N GLU B 122 7.25 -18.16 15.47
CA GLU B 122 7.50 -18.68 14.14
C GLU B 122 6.72 -17.88 13.11
N GLY B 123 7.43 -17.24 12.18
CA GLY B 123 6.81 -16.41 11.17
C GLY B 123 6.80 -14.93 11.48
N MET B 124 7.30 -14.53 12.65
CA MET B 124 7.35 -13.13 13.06
C MET B 124 8.57 -12.40 12.53
N VAL B 125 9.64 -13.13 12.18
CA VAL B 125 10.90 -12.49 11.82
C VAL B 125 10.76 -11.60 10.60
N GLU B 126 9.98 -12.06 9.60
CA GLU B 126 9.82 -11.29 8.38
C GLU B 126 9.11 -9.96 8.65
N ILE B 127 8.12 -9.96 9.55
CA ILE B 127 7.43 -8.73 9.89
C ILE B 127 8.37 -7.77 10.62
N PHE B 128 9.18 -8.30 11.54
CA PHE B 128 10.13 -7.48 12.27
C PHE B 128 11.13 -6.81 11.34
N ASP B 129 11.65 -7.55 10.37
CA ASP B 129 12.63 -6.99 9.44
C ASP B 129 12.02 -5.86 8.61
N MET B 130 10.78 -6.03 8.16
CA MET B 130 10.10 -4.96 7.44
C MET B 130 9.86 -3.77 8.35
N LEU B 131 9.48 -4.01 9.60
CA LEU B 131 9.33 -2.92 10.56
C LEU B 131 10.66 -2.24 10.83
N LEU B 132 11.73 -3.02 10.98
CA LEU B 132 13.05 -2.44 11.21
C LEU B 132 13.53 -1.64 10.01
N ALA B 133 13.33 -2.17 8.80
CA ALA B 133 13.70 -1.43 7.60
C ALA B 133 12.90 -0.13 7.49
N THR B 134 11.63 -0.17 7.90
CA THR B 134 10.80 1.03 7.85
C THR B 134 11.29 2.07 8.85
N SER B 135 11.61 1.64 10.07
CA SER B 135 12.13 2.56 11.07
C SER B 135 13.45 3.17 10.63
N SER B 136 14.34 2.35 10.05
CA SER B 136 15.58 2.88 9.51
C SER B 136 15.33 3.93 8.43
N ARG B 137 14.28 3.74 7.63
CA ARG B 137 13.97 4.71 6.59
C ARG B 137 13.53 6.05 7.17
N PHE B 138 12.73 6.03 8.23
CA PHE B 138 12.34 7.28 8.88
C PHE B 138 13.55 7.97 9.51
N ARG B 139 14.50 7.18 10.03
CA ARG B 139 15.71 7.76 10.60
C ARG B 139 16.56 8.43 9.53
N MET B 140 16.74 7.77 8.38
CA MET B 140 17.51 8.36 7.30
C MET B 140 16.86 9.63 6.78
N MET B 141 15.52 9.64 6.69
CA MET B 141 14.78 10.82 6.28
C MET B 141 14.71 11.88 7.36
N ASN B 142 15.09 11.56 8.60
CA ASN B 142 14.93 12.44 9.74
C ASN B 142 13.47 12.91 9.83
N LEU B 143 12.58 11.95 10.01
CA LEU B 143 11.16 12.25 10.04
C LEU B 143 10.83 13.16 11.22
N GLN B 144 9.98 14.15 10.96
CA GLN B 144 9.55 15.08 11.99
C GLN B 144 8.21 14.64 12.56
N GLY B 145 8.02 14.93 13.85
CA GLY B 145 6.77 14.57 14.49
C GLY B 145 5.56 15.21 13.84
N GLU B 146 5.73 16.42 13.30
CA GLU B 146 4.64 17.07 12.58
C GLU B 146 4.34 16.33 11.27
N GLU B 147 5.34 15.70 10.67
CA GLU B 147 5.10 14.85 9.51
C GLU B 147 4.50 13.51 9.90
N PHE B 148 4.84 13.00 11.09
CA PHE B 148 4.31 11.72 11.54
C PHE B 148 2.80 11.79 11.76
N VAL B 149 2.34 12.82 12.46
CA VAL B 149 0.91 12.95 12.72
C VAL B 149 0.12 13.10 11.43
N CYS B 150 0.70 13.79 10.43
CA CYS B 150 0.04 13.91 9.14
C CYS B 150 -0.05 12.56 8.43
N LEU B 151 1.08 11.83 8.38
CA LEU B 151 1.09 10.51 7.75
C LEU B 151 0.10 9.57 8.44
N LYS B 152 0.09 9.56 9.77
CA LYS B 152 -0.75 8.63 10.51
C LYS B 152 -2.23 8.91 10.28
N SER B 153 -2.61 10.19 10.24
CA SER B 153 -4.00 10.54 9.97
C SER B 153 -4.36 10.28 8.51
N ILE B 154 -3.38 10.35 7.60
CA ILE B 154 -3.63 10.01 6.20
C ILE B 154 -4.01 8.53 6.07
N ILE B 155 -3.29 7.66 6.78
CA ILE B 155 -3.60 6.24 6.77
C ILE B 155 -5.03 6.01 7.24
N LEU B 156 -5.46 6.74 8.26
CA LEU B 156 -6.82 6.57 8.77
C LEU B 156 -7.86 6.85 7.70
N LEU B 157 -7.65 7.91 6.91
CA LEU B 157 -8.64 8.33 5.93
C LEU B 157 -8.47 7.65 4.58
N ASN B 158 -7.28 7.15 4.26
CA ASN B 158 -7.01 6.62 2.93
C ASN B 158 -7.08 5.11 2.84
N SER B 159 -6.82 4.38 3.93
CA SER B 159 -6.68 2.93 3.85
C SER B 159 -8.01 2.21 3.61
N GLY B 160 -9.14 2.83 3.94
CA GLY B 160 -10.42 2.18 3.73
C GLY B 160 -11.36 2.99 2.87
N VAL B 161 -10.84 3.97 2.13
CA VAL B 161 -11.70 4.86 1.35
C VAL B 161 -12.18 4.17 0.07
N TYR B 162 -11.40 3.24 -0.48
CA TYR B 162 -11.78 2.50 -1.68
C TYR B 162 -12.21 1.07 -1.35
N THR B 163 -12.85 0.87 -0.20
CA THR B 163 -13.25 -0.47 0.23
C THR B 163 -14.68 -0.51 0.76
N PHE B 164 -15.40 0.61 0.74
CA PHE B 164 -16.78 0.63 1.21
C PHE B 164 -17.66 -0.29 0.36
N THR B 168 -24.47 3.78 -3.31
CA THR B 168 -25.30 4.86 -2.79
C THR B 168 -24.74 6.22 -3.21
N LEU B 169 -25.63 7.15 -3.56
CA LEU B 169 -25.18 8.51 -3.83
C LEU B 169 -24.67 9.20 -2.57
N LYS B 170 -25.17 8.80 -1.41
CA LYS B 170 -24.65 9.34 -0.15
C LYS B 170 -23.32 8.72 0.23
N SER B 171 -23.10 7.45 -0.12
CA SER B 171 -21.80 6.83 0.12
C SER B 171 -20.72 7.48 -0.72
N LEU B 172 -21.06 7.94 -1.93
CA LEU B 172 -20.12 8.67 -2.76
C LEU B 172 -19.93 10.11 -2.27
N GLU B 173 -20.93 10.67 -1.59
CA GLU B 173 -20.78 12.01 -1.03
C GLU B 173 -19.82 12.02 0.14
N GLU B 174 -19.70 10.90 0.87
CA GLU B 174 -18.74 10.83 1.96
C GLU B 174 -17.31 10.74 1.45
N LYS B 175 -17.10 9.97 0.38
CA LYS B 175 -15.75 9.83 -0.17
C LYS B 175 -15.25 11.15 -0.73
N ASP B 176 -16.15 12.02 -1.20
CA ASP B 176 -15.74 13.35 -1.65
C ASP B 176 -15.21 14.19 -0.50
N HIS B 177 -15.76 14.02 0.70
CA HIS B 177 -15.28 14.77 1.85
C HIS B 177 -13.91 14.27 2.31
N ILE B 178 -13.69 12.97 2.25
CA ILE B 178 -12.41 12.40 2.68
C ILE B 178 -11.28 12.92 1.80
N HIS B 179 -11.51 13.01 0.49
CA HIS B 179 -10.48 13.49 -0.42
C HIS B 179 -10.17 14.96 -0.20
N ARG B 180 -11.16 15.74 0.23
CA ARG B 180 -10.90 17.15 0.55
C ARG B 180 -10.01 17.28 1.77
N VAL B 181 -10.24 16.45 2.80
CA VAL B 181 -9.38 16.47 3.97
C VAL B 181 -7.99 15.96 3.62
N LEU B 182 -7.91 14.93 2.77
CA LEU B 182 -6.60 14.41 2.36
C LEU B 182 -5.80 15.44 1.60
N ASP B 183 -6.44 16.15 0.67
CA ASP B 183 -5.76 17.22 -0.05
C ASP B 183 -5.34 18.34 0.91
N LYS B 184 -6.09 18.54 1.99
CA LYS B 184 -5.69 19.53 2.99
C LYS B 184 -4.45 19.07 3.74
N ILE B 185 -4.40 17.79 4.13
CA ILE B 185 -3.23 17.26 4.82
C ILE B 185 -2.02 17.28 3.90
N THR B 186 -2.24 17.12 2.60
CA THR B 186 -1.15 17.26 1.64
C THR B 186 -0.52 18.64 1.72
N ASP B 187 -1.35 19.69 1.66
CA ASP B 187 -0.86 21.05 1.81
C ASP B 187 -0.10 21.23 3.11
N THR B 188 -0.64 20.68 4.20
CA THR B 188 -0.01 20.79 5.50
C THR B 188 1.39 20.20 5.49
N LEU B 189 1.57 19.05 4.83
CA LEU B 189 2.89 18.45 4.71
C LEU B 189 3.84 19.36 3.92
N ILE B 190 3.38 19.85 2.76
CA ILE B 190 4.20 20.75 1.96
C ILE B 190 4.52 22.02 2.75
N HIS B 191 3.57 22.49 3.54
CA HIS B 191 3.83 23.65 4.39
C HIS B 191 4.95 23.37 5.39
N LEU B 192 4.93 22.18 6.00
CA LEU B 192 6.02 21.80 6.91
C LEU B 192 7.36 21.79 6.19
N MET B 193 7.39 21.19 4.99
CA MET B 193 8.65 21.11 4.25
C MET B 193 9.11 22.47 3.77
N ALA B 194 8.19 23.43 3.62
CA ALA B 194 8.59 24.77 3.21
C ALA B 194 9.26 25.52 4.36
N LYS B 195 8.72 25.39 5.57
CA LYS B 195 9.35 26.03 6.72
C LYS B 195 10.74 25.48 6.99
N ALA B 196 10.96 24.18 6.72
CA ALA B 196 12.25 23.57 6.97
C ALA B 196 13.33 24.03 6.00
N GLY B 197 12.96 24.71 4.92
CA GLY B 197 13.92 25.25 3.98
C GLY B 197 14.21 24.40 2.76
N LEU B 198 13.51 23.28 2.59
CA LEU B 198 13.72 22.45 1.41
C LEU B 198 13.27 23.19 0.15
N THR B 199 13.98 22.96 -0.95
CA THR B 199 13.59 23.55 -2.21
C THR B 199 12.35 22.86 -2.76
N LEU B 200 11.77 23.47 -3.80
CA LEU B 200 10.55 22.93 -4.40
C LEU B 200 10.76 21.50 -4.88
N GLN B 201 11.90 21.23 -5.52
CA GLN B 201 12.21 19.87 -5.94
C GLN B 201 12.34 18.94 -4.74
N GLN B 202 12.90 19.46 -3.64
CA GLN B 202 13.07 18.64 -2.44
C GLN B 202 11.74 18.37 -1.74
N GLN B 203 10.78 19.30 -1.85
CA GLN B 203 9.48 19.08 -1.23
C GLN B 203 8.69 18.00 -1.97
N HIS B 204 8.71 18.04 -3.30
CA HIS B 204 8.02 17.01 -4.08
C HIS B 204 8.65 15.65 -3.86
N GLN B 205 9.98 15.59 -3.76
CA GLN B 205 10.66 14.31 -3.57
C GLN B 205 10.38 13.75 -2.18
N ARG B 206 10.50 14.59 -1.15
CA ARG B 206 10.23 14.12 0.21
C ARG B 206 8.78 13.72 0.39
N LEU B 207 7.85 14.48 -0.20
CA LEU B 207 6.44 14.12 -0.14
C LEU B 207 6.20 12.77 -0.79
N ALA B 208 6.86 12.50 -1.92
CA ALA B 208 6.72 11.20 -2.57
C ALA B 208 7.35 10.11 -1.71
N GLN B 209 8.50 10.40 -1.10
CA GLN B 209 9.15 9.42 -0.23
C GLN B 209 8.24 9.03 0.93
N LEU B 210 7.58 10.01 1.55
CA LEU B 210 6.71 9.72 2.68
C LEU B 210 5.54 8.83 2.27
N LEU B 211 4.85 9.21 1.19
CA LEU B 211 3.66 8.48 0.77
C LEU B 211 4.00 7.13 0.15
N LEU B 212 5.21 6.96 -0.40
CA LEU B 212 5.63 5.65 -0.87
C LEU B 212 5.88 4.69 0.28
N ILE B 213 6.18 5.20 1.48
CA ILE B 213 6.36 4.33 2.63
C ILE B 213 5.02 3.82 3.15
N LEU B 214 3.95 4.60 2.94
CA LEU B 214 2.63 4.12 3.31
C LEU B 214 2.25 2.87 2.52
N SER B 215 2.81 2.70 1.33
CA SER B 215 2.62 1.47 0.57
C SER B 215 3.25 0.29 1.30
N HIS B 216 4.41 0.49 1.91
CA HIS B 216 5.05 -0.58 2.66
C HIS B 216 4.29 -0.87 3.95
N ILE B 217 3.81 0.17 4.64
CA ILE B 217 3.05 -0.02 5.87
C ILE B 217 1.78 -0.82 5.59
N ARG B 218 1.15 -0.57 4.44
CA ARG B 218 0.02 -1.40 4.03
C ARG B 218 0.44 -2.85 3.82
N HIS B 219 1.60 -3.06 3.19
CA HIS B 219 2.09 -4.40 2.96
C HIS B 219 2.33 -5.14 4.27
N MET B 220 2.96 -4.46 5.24
CA MET B 220 3.20 -5.07 6.54
C MET B 220 1.90 -5.38 7.27
N SER B 221 0.90 -4.50 7.13
CA SER B 221 -0.38 -4.73 7.77
C SER B 221 -1.09 -5.95 7.20
N ASN B 222 -1.11 -6.07 5.87
CA ASN B 222 -1.74 -7.23 5.24
C ASN B 222 -1.01 -8.52 5.60
N LYS B 223 0.32 -8.51 5.53
CA LYS B 223 1.11 -9.67 5.91
C LYS B 223 0.88 -10.03 7.37
N GLY B 224 0.92 -9.03 8.26
CA GLY B 224 0.70 -9.30 9.66
C GLY B 224 -0.72 -9.76 9.96
N MET B 225 -1.71 -9.12 9.32
CA MET B 225 -3.10 -9.54 9.52
C MET B 225 -3.29 -11.00 9.15
N GLU B 226 -2.54 -11.50 8.16
CA GLU B 226 -2.64 -12.90 7.75
C GLU B 226 -2.39 -13.83 8.93
N HIS B 227 -1.21 -13.72 9.54
CA HIS B 227 -0.89 -14.59 10.67
C HIS B 227 -1.77 -14.34 11.88
N LEU B 228 -2.32 -13.13 12.02
CA LEU B 228 -3.11 -12.81 13.20
C LEU B 228 -4.41 -13.61 13.24
N TYR B 229 -5.08 -13.77 12.10
CA TYR B 229 -6.27 -14.62 12.04
C TYR B 229 -5.95 -16.06 11.66
N SER B 230 -4.75 -16.53 12.01
CA SER B 230 -4.40 -17.94 11.93
C SER B 230 -3.93 -18.50 13.26
N MET B 231 -3.20 -17.71 14.05
CA MET B 231 -2.82 -18.13 15.39
C MET B 231 -4.03 -18.17 16.32
N LYS B 232 -5.07 -17.35 16.04
CA LYS B 232 -6.27 -17.40 16.85
C LYS B 232 -7.01 -18.72 16.69
N CYS B 233 -6.79 -19.42 15.58
CA CYS B 233 -7.40 -20.71 15.34
C CYS B 233 -6.74 -21.78 16.22
N VAL B 237 -2.24 -18.00 21.05
CA VAL B 237 -2.70 -17.22 22.19
C VAL B 237 -4.10 -16.67 21.89
N PRO B 238 -4.99 -16.76 22.87
CA PRO B 238 -6.33 -16.17 22.71
C PRO B 238 -6.24 -14.67 22.52
N LEU B 239 -7.08 -14.14 21.63
CA LEU B 239 -7.09 -12.73 21.32
C LEU B 239 -8.12 -11.98 22.18
N SER B 240 -8.01 -10.66 22.18
CA SER B 240 -8.93 -9.82 22.93
C SER B 240 -10.27 -9.74 22.22
N ASP B 241 -11.28 -9.26 22.96
CA ASP B 241 -12.63 -9.17 22.40
C ASP B 241 -12.71 -8.12 21.30
N LEU B 242 -12.23 -6.90 21.58
CA LEU B 242 -12.20 -5.88 20.55
C LEU B 242 -11.23 -6.25 19.43
N LEU B 243 -10.12 -6.91 19.78
CA LEU B 243 -9.14 -7.28 18.76
C LEU B 243 -9.71 -8.31 17.79
N LEU B 244 -10.58 -9.21 18.26
CA LEU B 244 -11.21 -10.16 17.36
C LEU B 244 -12.14 -9.47 16.37
N GLU B 245 -12.84 -8.43 16.81
CA GLU B 245 -13.73 -7.69 15.92
C GLU B 245 -12.94 -6.96 14.83
N MET B 246 -11.76 -6.46 15.18
CA MET B 246 -10.90 -5.83 14.16
C MET B 246 -10.37 -6.86 13.17
N LEU B 247 -10.19 -8.11 13.62
CA LEU B 247 -9.64 -9.14 12.75
C LEU B 247 -10.70 -9.70 11.80
N ASP B 248 -11.93 -9.88 12.29
CA ASP B 248 -13.00 -10.41 11.43
C ASP B 248 -13.29 -9.49 10.25
N ALA B 249 -13.00 -8.19 10.38
CA ALA B 249 -13.17 -7.28 9.26
C ALA B 249 -12.25 -7.60 8.10
N HIS B 250 -11.14 -8.28 8.37
CA HIS B 250 -10.23 -8.73 7.32
C HIS B 250 -10.39 -10.22 7.04
N ARG B 251 -11.37 -10.87 7.66
CA ARG B 251 -11.60 -12.31 7.51
C ARG B 251 -10.36 -13.13 7.84
N LYS C 3 15.36 -20.98 -10.50
CA LYS C 3 14.27 -20.07 -10.83
C LYS C 3 14.16 -19.82 -12.34
N ILE C 4 12.94 -19.94 -12.87
CA ILE C 4 12.70 -19.57 -14.26
C ILE C 4 12.93 -18.08 -14.44
N LEU C 5 12.54 -17.28 -13.44
CA LEU C 5 12.73 -15.83 -13.52
C LEU C 5 14.21 -15.47 -13.65
N HIS C 6 15.10 -16.29 -13.09
CA HIS C 6 16.54 -16.09 -13.28
C HIS C 6 16.90 -16.16 -14.76
N ARG C 7 16.41 -17.19 -15.46
CA ARG C 7 16.79 -17.38 -16.86
C ARG C 7 16.19 -16.29 -17.75
N LEU C 8 14.93 -15.91 -17.50
CA LEU C 8 14.27 -14.95 -18.37
C LEU C 8 14.85 -13.55 -18.21
N LEU C 9 15.42 -13.23 -17.04
CA LEU C 9 16.05 -11.93 -16.84
C LEU C 9 17.45 -11.85 -17.42
N GLN C 10 17.97 -12.95 -17.97
CA GLN C 10 19.29 -12.96 -18.59
C GLN C 10 19.25 -12.93 -20.11
N ASP C 11 18.12 -13.29 -20.72
CA ASP C 11 18.01 -13.43 -22.16
C ASP C 11 18.38 -12.15 -22.90
N SER C 12 19.48 -12.20 -23.66
CA SER C 12 19.99 -11.07 -24.41
C SER C 12 20.23 -9.86 -23.51
N LYS D 3 -21.26 -3.36 17.82
CA LYS D 3 -20.07 -4.03 18.30
C LYS D 3 -19.29 -3.14 19.27
N ILE D 4 -18.13 -3.63 19.71
CA ILE D 4 -17.30 -2.86 20.63
C ILE D 4 -16.81 -1.58 19.97
N LEU D 5 -16.32 -1.70 18.73
CA LEU D 5 -15.87 -0.51 17.99
C LEU D 5 -17.03 0.44 17.74
N HIS D 6 -18.25 -0.09 17.64
CA HIS D 6 -19.41 0.77 17.42
C HIS D 6 -19.71 1.62 18.65
N ARG D 7 -19.69 1.00 19.83
CA ARG D 7 -20.05 1.72 21.06
C ARG D 7 -18.99 2.73 21.45
N LEU D 8 -17.71 2.33 21.40
CA LEU D 8 -16.63 3.23 21.77
C LEU D 8 -16.56 4.45 20.86
N LEU D 9 -16.91 4.28 19.59
CA LEU D 9 -16.94 5.42 18.67
C LEU D 9 -18.08 6.39 18.98
N GLN D 10 -19.15 5.93 19.62
CA GLN D 10 -20.26 6.79 19.99
C GLN D 10 -20.35 7.04 21.49
N ASP D 11 -19.43 6.49 22.28
CA ASP D 11 -19.45 6.69 23.71
C ASP D 11 -19.22 8.17 24.04
N SER D 12 -20.09 8.72 24.89
CA SER D 12 -20.09 10.15 25.21
C SER D 12 -20.30 10.99 23.96
C01 7FO E . -6.15 -10.97 -12.57
C02 7FO E . -7.09 -10.19 -11.67
C03 7FO E . -6.42 -9.89 -10.34
C04 7FO E . -6.33 -11.29 -9.75
C05 7FO E . -6.14 -12.20 -12.00
C06 7FO E . -7.08 -12.05 -10.84
O01 7FO E . -7.99 -11.14 -11.33
C07 7FO E . -5.41 -13.32 -12.07
C08 7FO E . -5.45 -10.38 -13.53
C09 7FO E . -5.25 -9.08 -13.54
C10 7FO E . -4.57 -8.48 -14.50
C11 7FO E . -4.05 -9.19 -15.48
C12 7FO E . -4.23 -10.50 -15.48
C13 7FO E . -4.92 -11.07 -14.53
C14 7FO E . -6.00 -14.50 -11.92
C15 7FO E . -5.34 -15.63 -11.97
C16 7FO E . -4.06 -15.66 -12.15
C17 7FO E . -3.44 -14.51 -12.28
C18 7FO E . -4.10 -13.38 -12.23
O02 7FO E . -3.41 -16.81 -12.18
O03 7FO E . -3.36 -8.65 -16.47
C19 7FO E . -7.93 -13.97 -7.57
C20 7FO E . -8.13 -15.26 -7.86
C21 7FO E . -9.00 -16.01 -7.21
C22 7FO E . -9.69 -15.44 -6.24
C23 7FO E . -9.51 -14.18 -5.95
C24 7FO E . -8.64 -13.46 -6.59
I01 7FO E . -11.10 -16.42 -5.05
S01 7FO E . -7.22 -11.60 -8.32
O05 7FO E . -8.60 -11.56 -8.54
O06 7FO E . -6.80 -11.23 -7.06
O04 7FO E . -7.04 -13.21 -8.24
C01 7FO F . 2.72 -5.78 17.08
C02 7FO F . 3.83 -6.01 16.05
C03 7FO F . 3.34 -5.95 14.61
C04 7FO F . 2.34 -7.11 14.62
C05 7FO F . 2.04 -6.96 16.99
C06 7FO F . 2.77 -7.73 15.94
O01 7FO F . 4.07 -7.34 16.10
C07 7FO F . 0.87 -7.46 17.41
C08 7FO F . 2.43 -4.54 17.52
C09 7FO F . 2.80 -3.47 16.83
C10 7FO F . 2.57 -2.23 17.21
C11 7FO F . 1.93 -2.00 18.32
C12 7FO F . 1.55 -3.04 19.03
C13 7FO F . 1.81 -4.27 18.65
C14 7FO F . 0.82 -8.63 18.03
C15 7FO F . -0.30 -9.19 18.44
C16 7FO F . -1.46 -8.60 18.27
C17 7FO F . -1.45 -7.44 17.65
C18 7FO F . -0.33 -6.88 17.22
O02 7FO F . -2.61 -9.13 18.68
O03 7FO F . 1.70 -0.77 18.72
C19 7FO F . 1.89 -10.83 13.78
C20 7FO F . 1.89 -11.61 14.84
C21 7FO F . 2.34 -12.86 14.79
C22 7FO F . 2.86 -13.34 13.66
C23 7FO F . 2.89 -12.55 12.61
C24 7FO F . 2.41 -11.32 12.69
I01 7FO F . 3.62 -15.30 13.54
S01 7FO F . 2.41 -8.30 13.39
O05 7FO F . 3.66 -8.90 13.23
O06 7FO F . 1.74 -8.04 12.25
O04 7FO F . 1.44 -9.55 13.80
#